data_4DVE
#
_entry.id   4DVE
#
_cell.length_a   89.825
_cell.length_b   57.384
_cell.length_c   166.865
_cell.angle_alpha   90.00
_cell.angle_beta   91.07
_cell.angle_gamma   90.00
#
_symmetry.space_group_name_H-M   'C 1 2 1'
#
loop_
_entity.id
_entity.type
_entity.pdbx_description
1 polymer 'Biotin transporter BioY'
2 non-polymer BIOTIN
3 non-polymer 'nonyl beta-D-glucopyranoside'
4 water water
#
_entity_poly.entity_id   1
_entity_poly.type   'polypeptide(L)'
_entity_poly.pdbx_seq_one_letter_code
;(MSE)HHHHHHHHA(MSE)TNNQKVKTLTYSAF(MSE)TAFIIILGFLPGIPIGFIPVPIILQN(MSE)GI(MSE)
(MSE)AGGLLGPKYGTISVGAFLALALIGLPVLTGGNGGAASFLGPSGGYRIAWLFTPFLIGFFLKKLKITTSQNWFGEL
IIVLLFGVIFVDFVGAIWLSFQSNIPLLTSLISNLVFIPGDCIKAILTVVIVRRLRKQGGFELYFR
;
_entity_poly.pdbx_strand_id   A,B,C
#
# COMPACT_ATOMS: atom_id res chain seq x y z
N ALA A 10 -4.41 26.82 21.70
CA ALA A 10 -3.37 26.14 20.88
C ALA A 10 -3.18 24.70 21.36
N THR A 12 -2.26 20.85 22.15
CA THR A 12 -1.12 19.98 22.31
C THR A 12 -1.10 18.95 21.18
N ASN A 13 0.02 18.26 21.04
CA ASN A 13 0.16 17.12 20.16
C ASN A 13 -0.87 16.04 20.42
N ASN A 14 -1.13 15.75 21.69
CA ASN A 14 -2.12 14.75 22.05
C ASN A 14 -3.51 15.19 21.55
N GLN A 15 -3.84 16.47 21.71
CA GLN A 15 -5.15 16.99 21.28
C GLN A 15 -5.29 16.97 19.77
N LYS A 16 -4.20 17.23 19.09
CA LYS A 16 -4.26 17.25 17.65
C LYS A 16 -4.35 15.82 17.05
N VAL A 17 -3.72 14.84 17.69
CA VAL A 17 -3.86 13.43 17.30
C VAL A 17 -5.29 12.95 17.56
N LYS A 18 -5.85 13.34 18.70
CA LYS A 18 -7.27 13.08 19.00
C LYS A 18 -8.22 13.67 17.99
N THR A 19 -7.97 14.92 17.62
CA THR A 19 -8.80 15.65 16.67
C THR A 19 -8.73 14.99 15.27
N LEU A 20 -7.54 14.60 14.85
CA LEU A 20 -7.35 13.85 13.63
C LEU A 20 -8.14 12.53 13.65
N THR A 21 -7.99 11.77 14.73
CA THR A 21 -8.69 10.50 14.90
C THR A 21 -10.21 10.64 14.82
N TYR A 22 -10.75 11.56 15.61
CA TYR A 22 -12.20 11.84 15.62
C TYR A 22 -12.73 12.37 14.29
N SER A 23 -11.98 13.28 13.68
N SER A 23 -11.99 13.28 13.68
CA SER A 23 -12.38 13.83 12.40
CA SER A 23 -12.40 13.81 12.39
C SER A 23 -12.37 12.75 11.31
C SER A 23 -12.41 12.71 11.33
N ALA A 24 -11.35 11.89 11.30
CA ALA A 24 -11.27 10.77 10.37
C ALA A 24 -12.41 9.80 10.63
N PHE A 25 -12.68 9.50 11.91
CA PHE A 25 -13.83 8.64 12.23
C PHE A 25 -15.18 9.17 11.73
N THR A 27 -15.78 11.32 9.23
CA THR A 27 -15.78 11.17 7.77
C THR A 27 -16.08 9.71 7.36
N ALA A 28 -15.40 8.77 8.00
CA ALA A 28 -15.63 7.35 7.74
C ALA A 28 -17.06 6.93 8.08
N PHE A 29 -17.59 7.46 9.19
CA PHE A 29 -18.95 7.13 9.65
C PHE A 29 -20.02 7.58 8.64
N ILE A 30 -19.84 8.79 8.12
CA ILE A 30 -20.73 9.32 7.12
C ILE A 30 -20.72 8.43 5.86
N ILE A 31 -19.51 8.00 5.48
CA ILE A 31 -19.33 7.07 4.35
C ILE A 31 -20.02 5.73 4.61
N ILE A 32 -19.84 5.15 5.79
CA ILE A 32 -20.48 3.87 6.16
C ILE A 32 -22.02 3.96 6.08
N LEU A 33 -22.62 5.07 6.53
CA LEU A 33 -24.06 5.27 6.41
C LEU A 33 -24.56 5.23 4.97
N GLY A 34 -23.72 5.66 4.05
CA GLY A 34 -24.00 5.56 2.62
C GLY A 34 -24.02 4.16 2.04
N PHE A 35 -23.60 3.14 2.81
CA PHE A 35 -23.62 1.74 2.34
C PHE A 35 -25.04 1.16 2.36
N LEU A 36 -25.94 1.80 3.12
CA LEU A 36 -27.38 1.50 3.02
C LEU A 36 -27.95 2.04 1.72
N PRO A 37 -28.65 1.19 0.95
CA PRO A 37 -29.28 1.75 -0.26
C PRO A 37 -30.38 2.77 0.10
N GLY A 38 -30.61 3.71 -0.80
CA GLY A 38 -31.67 4.69 -0.67
C GLY A 38 -33.01 4.05 -0.99
N ILE A 39 -34.09 4.64 -0.48
CA ILE A 39 -35.45 4.20 -0.78
C ILE A 39 -36.10 5.18 -1.75
N PRO A 40 -36.33 4.76 -3.01
CA PRO A 40 -36.94 5.71 -3.92
C PRO A 40 -38.40 5.97 -3.51
N ILE A 41 -38.83 7.20 -3.71
CA ILE A 41 -40.21 7.55 -3.51
C ILE A 41 -40.75 7.83 -4.93
N GLY A 42 -42.03 8.06 -5.05
CA GLY A 42 -42.59 8.10 -6.41
C GLY A 42 -42.26 9.40 -7.13
N PHE A 43 -42.61 10.47 -6.45
CA PHE A 43 -42.95 11.73 -7.10
C PHE A 43 -41.79 12.67 -7.38
N ILE A 44 -40.65 12.46 -6.73
CA ILE A 44 -39.44 13.22 -7.09
C ILE A 44 -38.26 12.26 -7.20
N PRO A 45 -37.24 12.65 -7.94
CA PRO A 45 -36.12 11.75 -8.12
C PRO A 45 -35.05 11.88 -7.00
N VAL A 46 -35.49 11.92 -5.74
CA VAL A 46 -34.61 12.02 -4.56
C VAL A 46 -35.06 10.94 -3.60
N PRO A 47 -34.15 10.05 -3.19
CA PRO A 47 -34.48 8.97 -2.27
C PRO A 47 -34.46 9.35 -0.78
N ILE A 48 -35.14 8.55 0.02
CA ILE A 48 -34.92 8.58 1.46
C ILE A 48 -33.60 7.85 1.71
N ILE A 49 -32.78 8.44 2.57
CA ILE A 49 -31.45 7.93 2.88
C ILE A 49 -31.21 7.96 4.38
N LEU A 50 -30.08 7.42 4.79
CA LEU A 50 -29.63 7.55 6.17
C LEU A 50 -28.43 8.50 6.31
N GLN A 51 -27.71 8.76 5.23
CA GLN A 51 -26.39 9.41 5.32
C GLN A 51 -26.41 10.85 5.88
N ASN A 52 -27.51 11.58 5.65
CA ASN A 52 -27.62 12.91 6.19
C ASN A 52 -27.59 12.95 7.73
N GLY A 54 -25.31 11.53 9.60
CA GLY A 54 -23.90 11.73 9.95
C GLY A 54 -23.49 13.20 9.81
N ILE A 55 -24.07 13.85 8.80
CA ILE A 55 -23.86 15.26 8.57
C ILE A 55 -24.36 16.05 9.77
N ALA A 58 -21.89 15.72 13.02
CA ALA A 58 -20.51 16.21 12.91
C ALA A 58 -20.25 17.50 13.70
N GLY A 59 -21.12 18.49 13.51
CA GLY A 59 -21.01 19.78 14.24
C GLY A 59 -21.26 19.70 15.74
N GLY A 60 -22.11 18.78 16.19
CA GLY A 60 -22.40 18.60 17.59
C GLY A 60 -21.29 17.87 18.34
N LEU A 61 -20.46 17.14 17.60
CA LEU A 61 -19.31 16.44 18.19
C LEU A 61 -18.03 17.24 18.09
N LEU A 62 -17.75 17.78 16.91
CA LEU A 62 -16.45 18.33 16.63
C LEU A 62 -16.48 19.83 16.49
N GLY A 63 -17.67 20.43 16.65
CA GLY A 63 -17.80 21.88 16.61
C GLY A 63 -17.77 22.44 15.21
N PRO A 64 -17.83 23.79 15.11
CA PRO A 64 -18.07 24.39 13.80
C PRO A 64 -16.88 24.32 12.85
N LYS A 65 -15.67 24.14 13.37
CA LYS A 65 -14.47 24.05 12.50
C LYS A 65 -14.23 22.61 12.03
N TYR A 66 -13.94 21.74 12.98
CA TYR A 66 -13.59 20.35 12.67
C TYR A 66 -14.75 19.52 12.18
N GLY A 67 -15.98 19.85 12.62
CA GLY A 67 -17.16 19.24 12.03
C GLY A 67 -17.28 19.54 10.56
N THR A 68 -17.01 20.79 10.20
CA THR A 68 -17.04 21.19 8.80
C THR A 68 -15.94 20.54 7.97
N ILE A 69 -14.75 20.42 8.55
CA ILE A 69 -13.64 19.77 7.89
C ILE A 69 -13.99 18.31 7.61
N SER A 70 -14.54 17.60 8.61
CA SER A 70 -14.91 16.20 8.42
C SER A 70 -15.90 15.98 7.27
N VAL A 71 -16.93 16.81 7.22
CA VAL A 71 -17.96 16.76 6.15
C VAL A 71 -17.35 17.17 4.82
N GLY A 72 -16.51 18.19 4.87
CA GLY A 72 -15.80 18.66 3.69
C GLY A 72 -14.97 17.58 3.07
N ALA A 73 -14.29 16.79 3.90
CA ALA A 73 -13.44 15.75 3.40
C ALA A 73 -14.28 14.67 2.71
N PHE A 74 -15.42 14.34 3.31
CA PHE A 74 -16.36 13.39 2.73
C PHE A 74 -16.83 13.88 1.34
N LEU A 75 -17.24 15.14 1.29
CA LEU A 75 -17.76 15.71 0.06
C LEU A 75 -16.66 15.79 -1.01
N ALA A 76 -15.45 16.16 -0.60
CA ALA A 76 -14.30 16.20 -1.50
C ALA A 76 -14.05 14.82 -2.13
N LEU A 77 -14.15 13.77 -1.32
CA LEU A 77 -14.00 12.41 -1.82
C LEU A 77 -15.06 12.11 -2.90
N ALA A 78 -16.28 12.55 -2.68
CA ALA A 78 -17.34 12.37 -3.67
C ALA A 78 -17.03 13.18 -4.93
N LEU A 79 -16.55 14.41 -4.74
CA LEU A 79 -16.29 15.30 -5.88
C LEU A 79 -15.20 14.77 -6.81
N ILE A 80 -14.19 14.12 -6.25
CA ILE A 80 -13.11 13.62 -7.08
C ILE A 80 -13.45 12.24 -7.66
N GLY A 81 -14.53 11.62 -7.22
CA GLY A 81 -15.01 10.41 -7.90
C GLY A 81 -15.15 9.14 -7.10
N LEU A 82 -14.84 9.16 -5.80
CA LEU A 82 -15.04 7.93 -5.02
C LEU A 82 -16.53 7.74 -4.76
N PRO A 83 -16.99 6.48 -4.82
CA PRO A 83 -18.43 6.23 -4.73
C PRO A 83 -18.91 6.18 -3.27
N VAL A 84 -18.82 7.32 -2.60
CA VAL A 84 -19.09 7.41 -1.17
C VAL A 84 -20.48 7.94 -0.84
N LEU A 85 -21.23 8.37 -1.84
CA LEU A 85 -22.62 8.79 -1.62
C LEU A 85 -23.49 7.55 -1.63
N THR A 86 -24.66 7.66 -1.02
CA THR A 86 -25.64 6.56 -0.93
C THR A 86 -25.79 5.72 -2.21
N GLY A 87 -25.69 4.39 -2.05
CA GLY A 87 -25.77 3.48 -3.18
C GLY A 87 -24.52 3.38 -4.06
N GLY A 88 -23.36 3.83 -3.59
CA GLY A 88 -22.14 3.75 -4.42
C GLY A 88 -22.13 4.80 -5.54
N ASN A 89 -22.54 6.02 -5.21
CA ASN A 89 -22.53 7.11 -6.17
C ASN A 89 -21.47 8.15 -5.85
N GLY A 90 -21.11 8.91 -6.87
CA GLY A 90 -20.17 10.00 -6.72
C GLY A 90 -19.82 10.59 -8.06
N GLY A 91 -18.75 11.39 -8.06
CA GLY A 91 -18.35 12.14 -9.24
C GLY A 91 -18.94 13.53 -9.20
N ALA A 92 -18.18 14.47 -9.76
CA ALA A 92 -18.48 15.87 -9.67
C ALA A 92 -19.77 16.18 -10.43
N ALA A 93 -19.99 15.51 -11.55
CA ALA A 93 -21.22 15.74 -12.34
C ALA A 93 -22.49 15.43 -11.56
N SER A 94 -22.46 14.39 -10.71
CA SER A 94 -23.65 14.07 -9.90
C SER A 94 -24.10 15.22 -8.96
N PHE A 95 -23.20 16.17 -8.65
CA PHE A 95 -23.53 17.32 -7.82
C PHE A 95 -24.39 18.36 -8.52
N LEU A 96 -24.47 18.29 -9.85
CA LEU A 96 -25.38 19.15 -10.59
C LEU A 96 -26.73 18.49 -10.79
N GLY A 97 -26.90 17.27 -10.26
CA GLY A 97 -28.13 16.52 -10.45
C GLY A 97 -29.23 16.93 -9.46
N PRO A 98 -30.30 16.13 -9.39
CA PRO A 98 -31.50 16.50 -8.61
C PRO A 98 -31.25 16.69 -7.11
N SER A 99 -30.29 15.94 -6.54
CA SER A 99 -30.02 15.98 -5.13
C SER A 99 -28.83 16.91 -4.77
N GLY A 100 -28.35 17.69 -5.74
CA GLY A 100 -27.19 18.57 -5.54
C GLY A 100 -27.35 19.59 -4.42
N GLY A 101 -28.54 20.16 -4.31
CA GLY A 101 -28.84 21.18 -3.31
C GLY A 101 -28.69 20.67 -1.89
N TYR A 102 -29.18 19.47 -1.62
CA TYR A 102 -29.07 18.90 -0.30
C TYR A 102 -27.59 18.76 0.08
N ARG A 103 -26.80 18.29 -0.88
CA ARG A 103 -25.36 18.05 -0.70
C ARG A 103 -24.54 19.31 -0.42
N ILE A 104 -24.85 20.38 -1.12
CA ILE A 104 -24.21 21.65 -0.90
C ILE A 104 -24.60 22.19 0.47
N ALA A 105 -25.88 22.05 0.83
CA ALA A 105 -26.34 22.47 2.15
C ALA A 105 -25.59 21.69 3.25
N TRP A 106 -25.27 20.43 2.99
CA TRP A 106 -24.53 19.60 3.97
C TRP A 106 -23.20 20.20 4.39
N LEU A 107 -22.48 20.82 3.45
CA LEU A 107 -21.25 21.50 3.77
C LEU A 107 -21.40 22.58 4.84
N PHE A 108 -22.54 23.26 4.91
CA PHE A 108 -22.74 24.34 5.87
C PHE A 108 -23.39 23.91 7.18
N THR A 109 -24.05 22.77 7.17
CA THR A 109 -24.78 22.25 8.32
C THR A 109 -23.93 22.13 9.60
N PRO A 110 -22.73 21.52 9.51
CA PRO A 110 -21.96 21.38 10.77
C PRO A 110 -21.46 22.70 11.29
N PHE A 111 -21.20 23.66 10.40
CA PHE A 111 -20.81 24.98 10.84
C PHE A 111 -21.96 25.66 11.59
N LEU A 112 -23.15 25.65 10.99
CA LEU A 112 -24.31 26.23 11.62
C LEU A 112 -24.65 25.58 12.94
N ILE A 113 -24.74 24.26 12.96
CA ILE A 113 -25.06 23.54 14.20
C ILE A 113 -23.99 23.82 15.28
N GLY A 114 -22.73 23.67 14.91
CA GLY A 114 -21.61 23.88 15.84
C GLY A 114 -21.55 25.31 16.37
N PHE A 115 -21.75 26.26 15.47
CA PHE A 115 -21.75 27.67 15.83
C PHE A 115 -22.82 28.05 16.86
N PHE A 116 -24.05 27.57 16.67
CA PHE A 116 -25.12 27.90 17.59
C PHE A 116 -25.08 27.09 18.89
N LEU A 117 -24.58 25.85 18.83
CA LEU A 117 -24.39 25.06 20.06
C LEU A 117 -23.41 25.76 20.99
N LYS A 118 -22.33 26.27 20.39
CA LYS A 118 -21.24 26.98 21.08
C LYS A 118 -21.74 28.32 21.60
N LYS A 119 -22.37 29.11 20.73
CA LYS A 119 -22.86 30.45 21.08
C LYS A 119 -23.98 30.48 22.14
N LEU A 120 -24.87 29.50 22.11
CA LEU A 120 -25.94 29.42 23.11
C LEU A 120 -25.56 28.51 24.29
N LYS A 121 -24.30 28.08 24.36
CA LYS A 121 -23.77 27.29 25.48
C LYS A 121 -24.53 25.99 25.77
N ILE A 122 -25.05 25.36 24.72
CA ILE A 122 -25.92 24.18 24.83
C ILE A 122 -25.16 22.97 25.34
N THR A 123 -23.90 22.94 24.97
CA THR A 123 -23.01 21.82 25.18
C THR A 123 -22.60 21.73 26.67
N THR A 124 -22.73 22.83 27.38
CA THR A 124 -22.44 22.92 28.81
C THR A 124 -23.70 22.87 29.69
N SER A 125 -24.86 22.64 29.09
CA SER A 125 -26.14 22.64 29.81
C SER A 125 -26.82 21.28 29.70
N GLN A 126 -27.96 21.14 30.37
CA GLN A 126 -28.83 19.97 30.21
C GLN A 126 -29.94 20.24 29.17
N ASN A 127 -29.76 21.26 28.34
CA ASN A 127 -30.80 21.68 27.40
C ASN A 127 -30.76 20.84 26.08
N TRP A 128 -31.15 19.58 26.20
CA TRP A 128 -31.14 18.66 25.07
C TRP A 128 -32.24 19.02 24.07
N PHE A 129 -33.31 19.67 24.55
CA PHE A 129 -34.37 20.11 23.64
C PHE A 129 -33.91 21.30 22.77
N GLY A 130 -33.24 22.27 23.37
CA GLY A 130 -32.52 23.32 22.62
C GLY A 130 -31.59 22.74 21.54
N GLU A 131 -30.80 21.74 21.89
CA GLU A 131 -29.91 21.12 20.94
C GLU A 131 -30.71 20.50 19.77
N LEU A 132 -31.81 19.81 20.10
CA LEU A 132 -32.65 19.17 19.09
C LEU A 132 -33.23 20.21 18.13
N ILE A 133 -33.65 21.35 18.66
CA ILE A 133 -34.20 22.39 17.82
C ILE A 133 -33.13 22.96 16.86
N ILE A 134 -31.92 23.17 17.36
CA ILE A 134 -30.80 23.62 16.51
C ILE A 134 -30.50 22.59 15.41
N VAL A 135 -30.50 21.32 15.77
CA VAL A 135 -30.26 20.27 14.79
C VAL A 135 -31.38 20.22 13.76
N LEU A 136 -32.63 20.34 14.21
CA LEU A 136 -33.79 20.38 13.31
C LEU A 136 -33.67 21.57 12.34
N LEU A 137 -33.38 22.74 12.89
CA LEU A 137 -33.33 23.95 12.07
C LEU A 137 -32.29 23.84 10.95
N PHE A 138 -31.09 23.40 11.30
CA PHE A 138 -29.99 23.43 10.35
C PHE A 138 -29.67 22.12 9.65
N GLY A 139 -29.92 21.00 10.31
CA GLY A 139 -29.71 19.71 9.71
C GLY A 139 -30.91 19.19 8.92
N VAL A 140 -32.11 19.69 9.21
CA VAL A 140 -33.32 19.21 8.56
C VAL A 140 -33.98 20.31 7.70
N ILE A 141 -34.43 21.40 8.32
CA ILE A 141 -35.17 22.44 7.60
C ILE A 141 -34.32 23.18 6.55
N PHE A 142 -33.16 23.68 6.97
CA PHE A 142 -32.19 24.34 6.07
C PHE A 142 -31.81 23.41 4.89
N VAL A 143 -31.38 22.20 5.20
CA VAL A 143 -31.00 21.21 4.18
C VAL A 143 -32.13 20.90 3.17
N ASP A 144 -33.33 20.59 3.69
CA ASP A 144 -34.44 20.17 2.85
C ASP A 144 -35.00 21.34 2.01
N PHE A 145 -34.96 22.55 2.56
CA PHE A 145 -35.33 23.75 1.83
C PHE A 145 -34.39 24.07 0.67
N VAL A 146 -33.09 24.13 0.94
CA VAL A 146 -32.13 24.33 -0.15
C VAL A 146 -32.22 23.21 -1.22
N GLY A 147 -32.32 21.98 -0.75
CA GLY A 147 -32.50 20.82 -1.61
C GLY A 147 -33.73 20.93 -2.52
N ALA A 148 -34.86 21.36 -1.93
CA ALA A 148 -36.13 21.52 -2.62
C ALA A 148 -36.06 22.63 -3.69
N ILE A 149 -35.36 23.71 -3.37
CA ILE A 149 -35.19 24.80 -4.33
C ILE A 149 -34.33 24.39 -5.51
N TRP A 150 -33.22 23.76 -5.20
CA TRP A 150 -32.33 23.26 -6.24
C TRP A 150 -33.03 22.27 -7.15
N LEU A 151 -33.72 21.32 -6.54
CA LEU A 151 -34.51 20.36 -7.28
C LEU A 151 -35.48 21.00 -8.27
N SER A 152 -36.24 21.99 -7.79
CA SER A 152 -37.17 22.74 -8.61
C SER A 152 -36.48 23.28 -9.87
N PHE A 153 -35.34 23.92 -9.67
CA PHE A 153 -34.58 24.47 -10.79
C PHE A 153 -33.99 23.39 -11.66
N GLN A 154 -33.32 22.39 -11.10
CA GLN A 154 -32.61 21.47 -12.02
C GLN A 154 -33.51 20.44 -12.70
N SER A 155 -34.64 20.08 -12.10
CA SER A 155 -35.53 19.13 -12.72
C SER A 155 -36.71 19.83 -13.39
N ASN A 156 -36.73 21.14 -13.36
CA ASN A 156 -37.77 21.96 -13.97
C ASN A 156 -39.13 21.50 -13.49
N ILE A 157 -39.30 21.50 -12.18
CA ILE A 157 -40.61 21.25 -11.61
C ILE A 157 -41.03 22.42 -10.73
N PRO A 158 -42.34 22.66 -10.62
CA PRO A 158 -42.80 23.82 -9.85
C PRO A 158 -42.28 23.78 -8.40
N LEU A 159 -41.88 24.95 -7.92
CA LEU A 159 -41.34 25.11 -6.60
C LEU A 159 -42.30 24.58 -5.54
N LEU A 160 -43.60 24.85 -5.69
CA LEU A 160 -44.61 24.39 -4.74
C LEU A 160 -44.66 22.88 -4.68
N THR A 161 -44.55 22.25 -5.84
CA THR A 161 -44.53 20.80 -5.93
C THR A 161 -43.31 20.19 -5.25
N SER A 162 -42.17 20.81 -5.47
CA SER A 162 -40.93 20.35 -4.85
C SER A 162 -41.00 20.50 -3.32
N LEU A 163 -41.45 21.66 -2.86
CA LEU A 163 -41.52 21.92 -1.43
C LEU A 163 -42.47 20.95 -0.71
N ILE A 164 -43.64 20.74 -1.29
CA ILE A 164 -44.61 19.80 -0.74
C ILE A 164 -44.14 18.34 -0.77
N SER A 165 -43.51 17.94 -1.87
CA SER A 165 -42.96 16.59 -2.02
C SER A 165 -41.88 16.30 -0.97
N ASN A 166 -41.16 17.34 -0.57
CA ASN A 166 -40.12 17.20 0.44
C ASN A 166 -40.63 16.91 1.85
N LEU A 167 -41.93 17.07 2.08
CA LEU A 167 -42.54 16.67 3.34
C LEU A 167 -42.38 15.17 3.61
N VAL A 168 -42.29 14.37 2.55
CA VAL A 168 -41.97 12.95 2.64
C VAL A 168 -40.69 12.66 3.44
N PHE A 169 -39.73 13.59 3.44
CA PHE A 169 -38.46 13.41 4.17
C PHE A 169 -38.52 13.73 5.65
N ILE A 170 -39.58 14.43 6.08
CA ILE A 170 -39.63 15.00 7.42
C ILE A 170 -39.65 13.95 8.55
N PRO A 171 -40.50 12.93 8.44
CA PRO A 171 -40.55 11.92 9.52
C PRO A 171 -39.22 11.22 9.76
N GLY A 172 -38.58 10.78 8.68
CA GLY A 172 -37.27 10.14 8.73
C GLY A 172 -36.21 11.13 9.20
N ASP A 173 -36.28 12.38 8.74
CA ASP A 173 -35.30 13.40 9.15
C ASP A 173 -35.42 13.78 10.64
N CYS A 174 -36.65 13.79 11.17
CA CYS A 174 -36.88 14.05 12.59
C CYS A 174 -36.35 12.93 13.47
N ILE A 175 -36.59 11.69 13.06
CA ILE A 175 -35.99 10.53 13.73
C ILE A 175 -34.45 10.64 13.75
N LYS A 176 -33.86 11.00 12.62
CA LYS A 176 -32.40 11.17 12.52
C LYS A 176 -31.91 12.26 13.45
N ALA A 177 -32.62 13.38 13.52
CA ALA A 177 -32.23 14.50 14.37
C ALA A 177 -32.32 14.10 15.87
N ILE A 178 -33.36 13.34 16.23
CA ILE A 178 -33.54 12.88 17.61
C ILE A 178 -32.42 11.93 17.99
N LEU A 179 -32.13 10.98 17.11
CA LEU A 179 -31.05 10.02 17.37
C LEU A 179 -29.70 10.74 17.43
N THR A 180 -29.55 11.76 16.59
CA THR A 180 -28.35 12.61 16.62
C THR A 180 -28.12 13.22 18.01
N VAL A 181 -29.16 13.84 18.57
CA VAL A 181 -29.03 14.47 19.88
C VAL A 181 -28.71 13.41 20.96
N VAL A 182 -29.45 12.30 20.96
CA VAL A 182 -29.21 11.21 21.92
C VAL A 182 -27.77 10.69 21.82
N ILE A 183 -27.35 10.33 20.62
CA ILE A 183 -26.00 9.79 20.39
C ILE A 183 -24.88 10.79 20.76
N VAL A 184 -24.98 12.03 20.26
CA VAL A 184 -23.91 12.98 20.52
C VAL A 184 -23.83 13.40 21.99
N ARG A 185 -24.97 13.59 22.67
CA ARG A 185 -24.95 13.98 24.09
C ARG A 185 -24.30 12.87 24.93
N ARG A 186 -24.64 11.60 24.64
CA ARG A 186 -23.93 10.47 25.26
C ARG A 186 -22.43 10.47 25.00
N LEU A 187 -22.02 10.59 23.74
CA LEU A 187 -20.61 10.65 23.41
C LEU A 187 -19.87 11.79 24.13
N ARG A 188 -20.55 12.92 24.32
CA ARG A 188 -19.96 14.06 24.98
C ARG A 188 -19.90 13.99 26.50
N LYS A 189 -20.83 13.25 27.11
CA LYS A 189 -21.08 13.37 28.56
C LYS A 189 -19.80 13.04 29.33
N GLN A 190 -19.05 12.09 28.80
CA GLN A 190 -17.61 12.03 29.01
C GLN A 190 -16.98 11.75 27.63
N GLY A 191 -15.92 12.46 27.24
CA GLY A 191 -15.15 13.34 28.11
C GLY A 191 -15.33 14.83 27.89
N GLY A 192 -14.57 15.42 26.95
CA GLY A 192 -13.84 14.69 25.88
C GLY A 192 -13.99 15.42 24.52
N PHE A 193 -15.10 16.11 24.34
CA PHE A 193 -15.35 16.91 23.13
C PHE A 193 -15.44 18.38 23.46
N GLU A 194 -15.18 18.67 24.73
CA GLU A 194 -15.25 20.00 25.31
C GLU A 194 -14.32 21.00 24.60
N LEU A 195 -13.16 20.50 24.15
CA LEU A 195 -12.18 21.32 23.43
C LEU A 195 -12.84 22.05 22.25
N TYR A 196 -13.75 21.38 21.55
CA TYR A 196 -14.32 21.92 20.30
C TYR A 196 -15.38 23.00 20.52
N PHE A 197 -15.83 23.18 21.76
CA PHE A 197 -16.89 24.15 22.08
C PHE A 197 -16.44 25.24 23.02
N ARG A 198 -15.13 25.36 23.24
CA ARG A 198 -14.60 26.53 23.94
C ARG A 198 -14.76 27.77 23.05
N ALA B 10 22.09 -45.31 -10.52
CA ALA B 10 22.76 -45.99 -11.67
C ALA B 10 21.97 -45.77 -12.99
N THR B 12 20.39 -45.29 -16.62
CA THR B 12 20.15 -45.97 -17.88
C THR B 12 20.81 -45.15 -19.03
N ASN B 13 21.10 -45.79 -20.16
CA ASN B 13 21.57 -45.04 -21.34
C ASN B 13 20.60 -43.96 -21.80
N ASN B 14 19.31 -44.27 -21.78
CA ASN B 14 18.30 -43.27 -22.12
C ASN B 14 18.36 -42.04 -21.20
N GLN B 15 18.53 -42.30 -19.91
CA GLN B 15 18.61 -41.25 -18.90
C GLN B 15 19.91 -40.43 -19.04
N LYS B 16 21.00 -41.07 -19.39
CA LYS B 16 22.23 -40.38 -19.68
C LYS B 16 22.10 -39.41 -20.86
N VAL B 17 21.46 -39.86 -21.93
CA VAL B 17 21.25 -39.06 -23.11
C VAL B 17 20.34 -37.89 -22.81
N LYS B 18 19.25 -38.12 -22.09
CA LYS B 18 18.35 -37.04 -21.65
C LYS B 18 19.06 -36.01 -20.77
N THR B 19 19.89 -36.51 -19.86
CA THR B 19 20.65 -35.64 -18.95
C THR B 19 21.65 -34.77 -19.72
N LEU B 20 22.33 -35.36 -20.69
CA LEU B 20 23.22 -34.62 -21.58
C LEU B 20 22.42 -33.54 -22.32
N THR B 21 21.26 -33.92 -22.88
CA THR B 21 20.42 -32.99 -23.63
C THR B 21 19.99 -31.80 -22.78
N TYR B 22 19.45 -32.09 -21.61
CA TYR B 22 18.93 -31.03 -20.72
C TYR B 22 20.05 -30.12 -20.20
N SER B 23 21.17 -30.71 -19.86
CA SER B 23 22.30 -29.95 -19.36
C SER B 23 22.86 -29.05 -20.46
N ALA B 24 23.01 -29.60 -21.66
CA ALA B 24 23.45 -28.78 -22.79
C ALA B 24 22.44 -27.66 -23.04
N PHE B 25 21.16 -28.00 -23.00
CA PHE B 25 20.11 -26.99 -23.14
C PHE B 25 20.21 -25.85 -22.12
N THR B 27 22.79 -24.88 -20.40
CA THR B 27 23.96 -24.11 -20.74
C THR B 27 23.67 -23.14 -21.89
N ALA B 28 23.03 -23.66 -22.95
CA ALA B 28 22.69 -22.85 -24.10
C ALA B 28 21.75 -21.73 -23.73
N PHE B 29 20.75 -22.04 -22.90
CA PHE B 29 19.74 -21.08 -22.47
C PHE B 29 20.34 -19.91 -21.69
N ILE B 30 21.25 -20.24 -20.78
CA ILE B 30 21.95 -19.22 -20.02
C ILE B 30 22.71 -18.30 -20.99
N ILE B 31 23.38 -18.88 -21.97
CA ILE B 31 24.09 -18.08 -22.97
C ILE B 31 23.13 -17.19 -23.77
N ILE B 32 21.99 -17.74 -24.16
CA ILE B 32 20.98 -16.99 -24.96
C ILE B 32 20.46 -15.75 -24.22
N LEU B 33 20.26 -15.88 -22.91
CA LEU B 33 19.83 -14.78 -22.06
C LEU B 33 20.85 -13.65 -22.03
N GLY B 34 22.12 -13.99 -22.17
CA GLY B 34 23.16 -12.99 -22.34
C GLY B 34 23.13 -12.23 -23.67
N PHE B 35 22.30 -12.62 -24.63
CA PHE B 35 22.20 -11.86 -25.88
C PHE B 35 21.39 -10.57 -25.68
N LEU B 36 20.62 -10.49 -24.61
CA LEU B 36 19.90 -9.28 -24.29
C LEU B 36 20.87 -8.28 -23.68
N PRO B 37 20.87 -7.01 -24.14
CA PRO B 37 21.85 -6.08 -23.58
C PRO B 37 21.54 -5.73 -22.12
N GLY B 38 22.59 -5.44 -21.35
CA GLY B 38 22.44 -4.94 -20.00
C GLY B 38 21.97 -3.48 -19.94
N ILE B 39 21.47 -3.08 -18.77
CA ILE B 39 21.03 -1.75 -18.46
C ILE B 39 21.95 -1.12 -17.37
N PRO B 40 22.81 -0.15 -17.73
CA PRO B 40 23.59 0.66 -16.75
C PRO B 40 22.69 1.33 -15.70
N ILE B 41 23.09 1.31 -14.43
CA ILE B 41 22.32 1.96 -13.36
C ILE B 41 22.99 3.21 -12.76
N GLY B 42 24.14 3.63 -13.31
CA GLY B 42 24.80 4.88 -12.88
C GLY B 42 25.64 4.79 -11.62
N PHE B 43 25.02 4.47 -10.49
CA PHE B 43 25.71 4.44 -9.19
C PHE B 43 26.97 3.57 -9.19
N ILE B 44 26.91 2.43 -9.88
CA ILE B 44 28.00 1.44 -9.85
C ILE B 44 28.20 0.83 -11.23
N PRO B 45 29.42 0.36 -11.51
CA PRO B 45 29.68 -0.19 -12.81
C PRO B 45 29.23 -1.67 -12.94
N VAL B 46 27.99 -1.99 -12.50
CA VAL B 46 27.38 -3.30 -12.69
C VAL B 46 25.99 -3.03 -13.29
N PRO B 47 25.66 -3.69 -14.42
CA PRO B 47 24.37 -3.48 -15.06
C PRO B 47 23.26 -4.41 -14.56
N ILE B 48 22.00 -4.00 -14.78
CA ILE B 48 20.83 -4.88 -14.65
C ILE B 48 20.88 -5.79 -15.86
N ILE B 49 20.70 -7.10 -15.63
CA ILE B 49 20.84 -8.11 -16.66
C ILE B 49 19.68 -9.10 -16.54
N LEU B 50 19.58 -10.05 -17.46
CA LEU B 50 18.63 -11.17 -17.38
C LEU B 50 19.29 -12.53 -17.13
N GLN B 51 20.57 -12.64 -17.48
CA GLN B 51 21.29 -13.91 -17.51
C GLN B 51 21.31 -14.67 -16.17
N ASN B 52 21.34 -13.93 -15.04
CA ASN B 52 21.32 -14.58 -13.73
C ASN B 52 20.03 -15.40 -13.47
N GLY B 54 18.83 -17.60 -15.58
CA GLY B 54 19.15 -18.94 -16.06
C GLY B 54 19.92 -19.72 -15.01
N ILE B 55 20.79 -19.01 -14.29
CA ILE B 55 21.56 -19.56 -13.18
C ILE B 55 20.66 -20.09 -12.07
N ALA B 58 18.79 -23.52 -13.08
CA ALA B 58 19.53 -24.75 -13.37
C ALA B 58 19.41 -25.81 -12.27
N GLY B 59 19.54 -25.39 -11.01
CA GLY B 59 19.48 -26.30 -9.86
C GLY B 59 18.08 -26.83 -9.56
N GLY B 60 17.06 -26.00 -9.83
CA GLY B 60 15.68 -26.43 -9.67
C GLY B 60 15.23 -27.43 -10.72
N LEU B 61 15.85 -27.43 -11.88
CA LEU B 61 15.56 -28.40 -12.94
C LEU B 61 16.42 -29.64 -12.89
N LEU B 62 17.73 -29.44 -12.74
CA LEU B 62 18.72 -30.49 -12.91
C LEU B 62 19.38 -30.97 -11.62
N GLY B 63 18.96 -30.40 -10.50
CA GLY B 63 19.51 -30.82 -9.21
C GLY B 63 20.89 -30.26 -8.97
N PRO B 64 21.47 -30.62 -7.82
CA PRO B 64 22.72 -29.97 -7.42
C PRO B 64 23.95 -30.42 -8.19
N LYS B 65 23.91 -31.58 -8.86
CA LYS B 65 25.08 -32.05 -9.61
C LYS B 65 25.02 -31.53 -11.04
N TYR B 66 23.97 -31.90 -11.76
CA TYR B 66 23.85 -31.52 -13.18
C TYR B 66 23.54 -30.06 -13.36
N GLY B 67 22.82 -29.44 -12.42
CA GLY B 67 22.66 -27.98 -12.47
C GLY B 67 23.98 -27.26 -12.35
N THR B 68 24.84 -27.71 -11.45
CA THR B 68 26.16 -27.10 -11.28
C THR B 68 27.08 -27.34 -12.50
N ILE B 69 27.01 -28.53 -13.07
CA ILE B 69 27.75 -28.83 -14.27
C ILE B 69 27.32 -27.91 -15.42
N SER B 70 26.02 -27.68 -15.58
CA SER B 70 25.56 -26.82 -16.67
C SER B 70 26.06 -25.40 -16.52
N VAL B 71 25.97 -24.87 -15.31
CA VAL B 71 26.49 -23.51 -15.03
C VAL B 71 27.97 -23.45 -15.16
N GLY B 72 28.65 -24.47 -14.67
CA GLY B 72 30.09 -24.51 -14.76
C GLY B 72 30.59 -24.54 -16.19
N ALA B 73 29.90 -25.26 -17.07
CA ALA B 73 30.26 -25.29 -18.49
C ALA B 73 30.13 -23.89 -19.10
N PHE B 74 29.05 -23.19 -18.75
CA PHE B 74 28.83 -21.81 -19.16
C PHE B 74 29.98 -20.88 -18.70
N LEU B 75 30.31 -20.94 -17.42
CA LEU B 75 31.36 -20.11 -16.84
C LEU B 75 32.75 -20.45 -17.45
N ALA B 76 33.02 -21.75 -17.66
CA ALA B 76 34.22 -22.21 -18.35
C ALA B 76 34.36 -21.64 -19.76
N LEU B 77 33.27 -21.59 -20.52
CA LEU B 77 33.31 -20.97 -21.83
C LEU B 77 33.69 -19.49 -21.77
N ALA B 78 33.14 -18.76 -20.79
CA ALA B 78 33.53 -17.38 -20.53
C ALA B 78 35.00 -17.25 -20.12
N LEU B 79 35.44 -18.12 -19.22
CA LEU B 79 36.81 -18.11 -18.74
C LEU B 79 37.85 -18.31 -19.85
N ILE B 80 37.54 -19.14 -20.85
CA ILE B 80 38.50 -19.35 -21.94
C ILE B 80 38.39 -18.32 -23.04
N GLY B 81 37.40 -17.42 -22.97
CA GLY B 81 37.38 -16.24 -23.83
C GLY B 81 36.20 -16.14 -24.78
N LEU B 82 35.24 -17.06 -24.69
CA LEU B 82 34.05 -16.96 -25.54
C LEU B 82 33.13 -15.83 -25.04
N PRO B 83 32.58 -15.02 -25.94
CA PRO B 83 31.79 -13.86 -25.48
C PRO B 83 30.35 -14.22 -25.07
N VAL B 84 30.22 -14.98 -23.99
CA VAL B 84 28.93 -15.56 -23.58
C VAL B 84 28.27 -14.83 -22.42
N LEU B 85 28.97 -13.86 -21.84
CA LEU B 85 28.36 -13.02 -20.82
C LEU B 85 27.59 -11.89 -21.48
N THR B 86 26.65 -11.30 -20.73
CA THR B 86 25.82 -10.19 -21.20
C THR B 86 26.63 -9.13 -21.96
N GLY B 87 26.14 -8.75 -23.14
CA GLY B 87 26.80 -7.75 -23.98
C GLY B 87 28.02 -8.28 -24.75
N GLY B 88 28.11 -9.59 -24.97
CA GLY B 88 29.24 -10.15 -25.73
C GLY B 88 30.56 -10.08 -25.00
N ASN B 89 30.53 -10.24 -23.69
CA ASN B 89 31.75 -10.16 -22.91
C ASN B 89 32.24 -11.53 -22.48
N GLY B 90 33.50 -11.60 -22.09
CA GLY B 90 34.10 -12.85 -21.64
C GLY B 90 35.58 -12.67 -21.43
N GLY B 91 36.30 -13.76 -21.22
CA GLY B 91 37.73 -13.69 -20.88
C GLY B 91 37.95 -13.75 -19.37
N ALA B 92 39.06 -14.39 -19.02
CA ALA B 92 39.40 -14.68 -17.64
C ALA B 92 39.63 -13.40 -16.88
N ALA B 93 40.26 -12.42 -17.54
CA ALA B 93 40.59 -11.15 -16.92
C ALA B 93 39.33 -10.48 -16.34
N SER B 94 38.22 -10.59 -17.06
CA SER B 94 36.98 -9.93 -16.65
C SER B 94 36.42 -10.48 -15.33
N PHE B 95 36.84 -11.68 -14.93
CA PHE B 95 36.42 -12.27 -13.67
C PHE B 95 37.08 -11.62 -12.44
N LEU B 96 38.10 -10.80 -12.64
CA LEU B 96 38.64 -9.97 -11.57
C LEU B 96 38.04 -8.57 -11.62
N GLY B 97 37.07 -8.32 -12.50
CA GLY B 97 36.47 -6.99 -12.59
C GLY B 97 35.38 -6.78 -11.54
N PRO B 98 34.63 -5.69 -11.67
CA PRO B 98 33.61 -5.28 -10.70
C PRO B 98 32.47 -6.27 -10.51
N SER B 99 32.13 -7.01 -11.55
CA SER B 99 31.07 -8.03 -11.48
C SER B 99 31.55 -9.46 -11.19
N GLY B 100 32.81 -9.63 -10.83
CA GLY B 100 33.39 -10.93 -10.56
C GLY B 100 32.78 -11.74 -9.42
N GLY B 101 32.41 -11.05 -8.35
CA GLY B 101 31.75 -11.71 -7.24
C GLY B 101 30.43 -12.35 -7.56
N TYR B 102 29.59 -11.67 -8.32
CA TYR B 102 28.31 -12.22 -8.73
C TYR B 102 28.56 -13.55 -9.50
N ARG B 103 29.53 -13.50 -10.41
CA ARG B 103 29.84 -14.62 -11.30
C ARG B 103 30.41 -15.83 -10.59
N ILE B 104 31.28 -15.59 -9.61
CA ILE B 104 31.74 -16.65 -8.75
C ILE B 104 30.60 -17.25 -7.91
N ALA B 105 29.73 -16.39 -7.39
CA ALA B 105 28.59 -16.86 -6.63
C ALA B 105 27.67 -17.77 -7.49
N TRP B 106 27.55 -17.45 -8.78
CA TRP B 106 26.70 -18.23 -9.71
C TRP B 106 27.14 -19.67 -9.75
N LEU B 107 28.43 -19.91 -9.64
CA LEU B 107 28.92 -21.30 -9.63
C LEU B 107 28.27 -22.16 -8.51
N PHE B 108 28.01 -21.55 -7.34
CA PHE B 108 27.53 -22.27 -6.17
C PHE B 108 26.03 -22.29 -6.09
N THR B 109 25.38 -21.39 -6.84
CA THR B 109 23.93 -21.20 -6.73
C THR B 109 23.12 -22.46 -7.07
N PRO B 110 23.42 -23.13 -8.19
CA PRO B 110 22.65 -24.38 -8.46
C PRO B 110 22.88 -25.49 -7.48
N PHE B 111 24.11 -25.56 -6.95
CA PHE B 111 24.39 -26.54 -5.93
C PHE B 111 23.52 -26.24 -4.70
N LEU B 112 23.52 -24.98 -4.24
CA LEU B 112 22.74 -24.62 -3.05
C LEU B 112 21.25 -24.82 -3.28
N ILE B 113 20.72 -24.30 -4.39
CA ILE B 113 19.29 -24.45 -4.66
C ILE B 113 18.92 -25.94 -4.77
N GLY B 114 19.68 -26.68 -5.60
CA GLY B 114 19.44 -28.11 -5.79
C GLY B 114 19.52 -28.90 -4.49
N PHE B 115 20.56 -28.65 -3.71
CA PHE B 115 20.76 -29.38 -2.46
C PHE B 115 19.58 -29.19 -1.50
N PHE B 116 19.14 -27.95 -1.33
CA PHE B 116 18.04 -27.70 -0.41
C PHE B 116 16.69 -28.14 -0.92
N LEU B 117 16.43 -28.02 -2.21
CA LEU B 117 15.19 -28.53 -2.78
C LEU B 117 15.10 -30.06 -2.56
N LYS B 118 16.22 -30.72 -2.76
CA LYS B 118 16.31 -32.16 -2.61
C LYS B 118 16.16 -32.56 -1.14
N LYS B 119 16.96 -31.93 -0.27
CA LYS B 119 16.97 -32.22 1.17
C LYS B 119 15.62 -31.93 1.86
N LEU B 120 14.99 -30.80 1.55
CA LEU B 120 13.73 -30.43 2.16
C LEU B 120 12.51 -31.01 1.38
N LYS B 121 12.76 -31.93 0.45
CA LYS B 121 11.73 -32.59 -0.36
C LYS B 121 10.71 -31.61 -0.98
N ILE B 122 11.20 -30.46 -1.41
CA ILE B 122 10.34 -29.39 -1.94
C ILE B 122 9.76 -29.80 -3.29
N THR B 123 10.53 -30.61 -4.00
CA THR B 123 10.16 -31.07 -5.32
C THR B 123 9.00 -32.10 -5.31
N THR B 124 8.78 -32.72 -4.15
CA THR B 124 7.80 -33.80 -3.97
C THR B 124 6.63 -33.34 -3.10
N SER B 125 6.44 -32.03 -3.05
CA SER B 125 5.44 -31.42 -2.20
C SER B 125 4.78 -30.25 -2.91
N GLN B 126 3.76 -29.69 -2.27
CA GLN B 126 3.03 -28.55 -2.82
C GLN B 126 3.56 -27.27 -2.15
N ASN B 127 4.86 -27.29 -1.83
CA ASN B 127 5.50 -26.24 -1.04
C ASN B 127 6.10 -25.19 -2.00
N TRP B 128 5.20 -24.47 -2.64
CA TRP B 128 5.55 -23.49 -3.65
C TRP B 128 6.31 -22.32 -3.02
N PHE B 129 5.83 -21.86 -1.87
CA PHE B 129 6.49 -20.79 -1.15
C PHE B 129 7.87 -21.21 -0.65
N GLY B 130 8.01 -22.49 -0.27
CA GLY B 130 9.29 -23.04 0.12
C GLY B 130 10.33 -22.97 -0.99
N GLU B 131 9.93 -23.34 -2.20
CA GLU B 131 10.81 -23.27 -3.37
C GLU B 131 11.20 -21.81 -3.63
N LEU B 132 10.27 -20.89 -3.47
CA LEU B 132 10.58 -19.48 -3.67
C LEU B 132 11.60 -19.01 -2.66
N ILE B 133 11.40 -19.35 -1.39
CA ILE B 133 12.35 -18.94 -0.36
C ILE B 133 13.77 -19.43 -0.70
N ILE B 134 13.90 -20.66 -1.16
CA ILE B 134 15.22 -21.24 -1.49
C ILE B 134 15.84 -20.53 -2.67
N VAL B 135 15.05 -20.27 -3.70
CA VAL B 135 15.57 -19.55 -4.86
C VAL B 135 15.96 -18.13 -4.49
N LEU B 136 15.14 -17.46 -3.68
CA LEU B 136 15.47 -16.08 -3.26
C LEU B 136 16.74 -16.06 -2.40
N LEU B 137 16.84 -16.99 -1.46
CA LEU B 137 17.97 -17.01 -0.56
C LEU B 137 19.34 -17.21 -1.28
N PHE B 138 19.39 -18.16 -2.20
CA PHE B 138 20.62 -18.51 -2.84
C PHE B 138 20.81 -17.88 -4.19
N GLY B 139 19.73 -17.70 -4.92
CA GLY B 139 19.77 -17.14 -6.24
C GLY B 139 19.79 -15.62 -6.22
N VAL B 140 19.27 -14.99 -5.16
CA VAL B 140 19.24 -13.52 -5.09
C VAL B 140 20.10 -12.98 -3.94
N ILE B 141 19.78 -13.34 -2.70
CA ILE B 141 20.49 -12.78 -1.54
C ILE B 141 22.00 -13.17 -1.54
N PHE B 142 22.28 -14.47 -1.64
CA PHE B 142 23.66 -14.98 -1.69
C PHE B 142 24.45 -14.32 -2.83
N VAL B 143 23.89 -14.31 -4.03
CA VAL B 143 24.57 -13.79 -5.22
C VAL B 143 24.85 -12.29 -5.10
N ASP B 144 23.82 -11.54 -4.68
CA ASP B 144 23.93 -10.10 -4.64
C ASP B 144 24.79 -9.63 -3.48
N PHE B 145 24.74 -10.32 -2.35
CA PHE B 145 25.63 -10.05 -1.24
C PHE B 145 27.11 -10.31 -1.57
N VAL B 146 27.42 -11.48 -2.13
CA VAL B 146 28.79 -11.80 -2.53
C VAL B 146 29.27 -10.79 -3.59
N GLY B 147 28.43 -10.52 -4.58
CA GLY B 147 28.73 -9.53 -5.60
C GLY B 147 29.04 -8.14 -5.03
N ALA B 148 28.18 -7.69 -4.11
CA ALA B 148 28.32 -6.40 -3.45
C ALA B 148 29.63 -6.29 -2.66
N ILE B 149 29.99 -7.36 -1.95
CA ILE B 149 31.23 -7.35 -1.18
C ILE B 149 32.45 -7.32 -2.11
N TRP B 150 32.44 -8.17 -3.13
CA TRP B 150 33.52 -8.17 -4.11
C TRP B 150 33.66 -6.82 -4.79
N LEU B 151 32.54 -6.26 -5.24
CA LEU B 151 32.57 -4.93 -5.84
C LEU B 151 33.25 -3.90 -4.92
N SER B 152 32.88 -3.92 -3.63
CA SER B 152 33.43 -2.98 -2.67
C SER B 152 34.98 -3.07 -2.60
N PHE B 153 35.50 -4.30 -2.60
CA PHE B 153 36.93 -4.53 -2.61
C PHE B 153 37.56 -4.22 -3.94
N GLN B 154 37.03 -4.70 -5.06
CA GLN B 154 37.78 -4.50 -6.28
C GLN B 154 37.67 -3.07 -6.85
N SER B 155 36.59 -2.35 -6.58
CA SER B 155 36.46 -0.95 -7.00
C SER B 155 36.82 0.05 -5.88
N ASN B 156 37.20 -0.44 -4.69
CA ASN B 156 37.59 0.42 -3.57
C ASN B 156 36.51 1.48 -3.29
N ILE B 157 35.29 1.01 -3.11
CA ILE B 157 34.21 1.91 -2.70
C ILE B 157 33.67 1.39 -1.36
N PRO B 158 33.14 2.30 -0.52
CA PRO B 158 32.64 1.86 0.79
C PRO B 158 31.62 0.70 0.70
N LEU B 159 31.71 -0.23 1.63
CA LEU B 159 30.81 -1.37 1.62
C LEU B 159 29.32 -0.93 1.68
N LEU B 160 29.05 0.06 2.51
CA LEU B 160 27.69 0.53 2.66
C LEU B 160 27.16 1.09 1.36
N THR B 161 28.00 1.79 0.61
CA THR B 161 27.62 2.31 -0.71
C THR B 161 27.32 1.20 -1.70
N SER B 162 28.19 0.20 -1.74
CA SER B 162 27.98 -0.99 -2.58
C SER B 162 26.66 -1.72 -2.24
N LEU B 163 26.42 -1.92 -0.97
CA LEU B 163 25.26 -2.68 -0.50
C LEU B 163 23.95 -1.93 -0.83
N ILE B 164 23.94 -0.63 -0.56
CA ILE B 164 22.75 0.17 -0.82
C ILE B 164 22.49 0.29 -2.33
N SER B 165 23.55 0.50 -3.12
CA SER B 165 23.45 0.54 -4.59
C SER B 165 22.88 -0.75 -5.17
N ASN B 166 23.29 -1.87 -4.60
CA ASN B 166 22.83 -3.20 -5.01
C ASN B 166 21.35 -3.47 -4.76
N LEU B 167 20.66 -2.62 -3.98
CA LEU B 167 19.23 -2.71 -3.81
C LEU B 167 18.48 -2.54 -5.12
N VAL B 168 19.03 -1.75 -6.02
CA VAL B 168 18.46 -1.59 -7.36
C VAL B 168 18.29 -2.90 -8.13
N PHE B 169 19.11 -3.91 -7.83
CA PHE B 169 19.01 -5.21 -8.47
C PHE B 169 17.92 -6.11 -7.91
N ILE B 170 17.48 -5.82 -6.69
CA ILE B 170 16.59 -6.71 -5.97
C ILE B 170 15.22 -6.87 -6.65
N PRO B 171 14.59 -5.77 -7.12
CA PRO B 171 13.31 -5.97 -7.75
C PRO B 171 13.33 -6.85 -8.98
N GLY B 172 14.28 -6.62 -9.88
CA GLY B 172 14.35 -7.46 -11.07
C GLY B 172 14.75 -8.89 -10.70
N ASP B 173 15.63 -9.03 -9.70
CA ASP B 173 16.04 -10.36 -9.24
C ASP B 173 14.88 -11.14 -8.61
N CYS B 174 14.03 -10.46 -7.85
CA CYS B 174 12.83 -11.10 -7.31
C CYS B 174 11.85 -11.51 -8.40
N ILE B 175 11.68 -10.67 -9.42
CA ILE B 175 10.85 -11.04 -10.57
C ILE B 175 11.39 -12.30 -11.26
N LYS B 176 12.72 -12.35 -11.47
CA LYS B 176 13.39 -13.52 -12.05
C LYS B 176 13.18 -14.77 -11.20
N ALA B 177 13.25 -14.60 -9.88
CA ALA B 177 13.00 -15.68 -8.96
C ALA B 177 11.54 -16.20 -9.01
N ILE B 178 10.55 -15.30 -9.08
CA ILE B 178 9.17 -15.73 -9.29
C ILE B 178 9.03 -16.53 -10.59
N LEU B 179 9.55 -15.97 -11.68
CA LEU B 179 9.47 -16.63 -12.97
C LEU B 179 10.15 -17.99 -12.92
N THR B 180 11.26 -18.07 -12.17
CA THR B 180 12.02 -19.30 -12.04
C THR B 180 11.15 -20.36 -11.42
N VAL B 181 10.51 -20.02 -10.31
CA VAL B 181 9.73 -21.00 -9.57
C VAL B 181 8.54 -21.47 -10.41
N VAL B 182 7.86 -20.54 -11.09
CA VAL B 182 6.71 -20.91 -11.91
C VAL B 182 7.15 -21.79 -13.08
N ILE B 183 8.19 -21.35 -13.79
CA ILE B 183 8.62 -22.10 -14.96
C ILE B 183 9.13 -23.50 -14.57
N VAL B 184 9.99 -23.57 -13.56
CA VAL B 184 10.64 -24.82 -13.18
C VAL B 184 9.59 -25.81 -12.65
N ARG B 185 8.66 -25.34 -11.84
CA ARG B 185 7.59 -26.20 -11.31
C ARG B 185 6.69 -26.77 -12.39
N ARG B 186 6.42 -25.96 -13.41
CA ARG B 186 5.63 -26.41 -14.55
C ARG B 186 6.40 -27.47 -15.33
N LEU B 187 7.69 -27.22 -15.56
CA LEU B 187 8.49 -28.18 -16.29
C LEU B 187 8.59 -29.49 -15.54
N ARG B 188 8.75 -29.43 -14.22
CA ARG B 188 8.83 -30.64 -13.39
C ARG B 188 7.49 -31.39 -13.25
N LYS B 189 6.35 -30.72 -13.47
CA LYS B 189 5.05 -31.22 -13.02
C LYS B 189 4.73 -32.54 -13.72
N GLN B 190 4.85 -32.53 -15.04
CA GLN B 190 4.99 -33.75 -15.83
C GLN B 190 6.44 -33.69 -16.23
N GLY B 191 7.21 -34.72 -15.90
CA GLY B 191 8.61 -34.66 -16.23
C GLY B 191 9.53 -35.74 -15.73
N GLY B 192 10.62 -35.86 -16.49
CA GLY B 192 11.70 -36.78 -16.20
C GLY B 192 12.67 -36.24 -15.17
N PHE B 193 12.37 -35.05 -14.63
CA PHE B 193 13.32 -34.37 -13.72
C PHE B 193 13.39 -34.96 -12.32
N GLU B 194 12.44 -35.83 -12.03
CA GLU B 194 12.37 -36.53 -10.74
C GLU B 194 13.67 -37.26 -10.40
N LEU B 195 14.32 -37.80 -11.43
CA LEU B 195 15.61 -38.47 -11.31
C LEU B 195 16.69 -37.63 -10.58
N TYR B 196 16.69 -36.32 -10.80
CA TYR B 196 17.75 -35.46 -10.23
C TYR B 196 17.59 -35.11 -8.76
N PHE B 197 16.47 -35.49 -8.19
CA PHE B 197 16.15 -35.12 -6.81
C PHE B 197 15.96 -36.30 -5.89
N ARG B 198 16.39 -37.49 -6.32
CA ARG B 198 16.35 -38.68 -5.46
C ARG B 198 17.48 -38.60 -4.44
N THR C 12 -2.06 28.83 1.15
CA THR C 12 -3.27 29.38 0.52
C THR C 12 -4.53 28.56 0.87
N ASN C 13 -5.70 29.20 0.81
CA ASN C 13 -6.97 28.49 1.00
C ASN C 13 -7.19 27.34 0.01
N ASN C 14 -6.91 27.60 -1.28
CA ASN C 14 -6.99 26.57 -2.30
C ASN C 14 -6.04 25.41 -1.98
N GLN C 15 -4.84 25.75 -1.47
CA GLN C 15 -3.86 24.75 -1.08
C GLN C 15 -4.32 23.92 0.12
N LYS C 16 -4.94 24.59 1.09
CA LYS C 16 -5.48 23.88 2.26
C LYS C 16 -6.56 22.87 1.85
N VAL C 17 -7.46 23.29 0.98
CA VAL C 17 -8.56 22.44 0.50
C VAL C 17 -8.02 21.25 -0.28
N LYS C 18 -7.09 21.54 -1.19
CA LYS C 18 -6.38 20.49 -1.92
C LYS C 18 -5.65 19.50 -1.00
N THR C 19 -4.99 20.00 0.04
CA THR C 19 -4.26 19.14 0.94
C THR C 19 -5.23 18.28 1.73
N LEU C 20 -6.35 18.87 2.16
CA LEU C 20 -7.41 18.07 2.80
C LEU C 20 -7.92 16.97 1.86
N THR C 21 -8.23 17.32 0.61
CA THR C 21 -8.72 16.34 -0.36
C THR C 21 -7.74 15.22 -0.59
N TYR C 22 -6.48 15.58 -0.86
CA TYR C 22 -5.44 14.58 -1.12
C TYR C 22 -5.15 13.68 0.05
N SER C 23 -5.10 14.26 1.24
CA SER C 23 -4.82 13.43 2.44
C SER C 23 -6.00 12.48 2.72
N ALA C 24 -7.23 12.99 2.57
CA ALA C 24 -8.42 12.16 2.73
C ALA C 24 -8.38 11.03 1.69
N PHE C 25 -8.05 11.38 0.44
CA PHE C 25 -7.94 10.38 -0.62
C PHE C 25 -6.91 9.31 -0.31
N THR C 27 -5.78 8.32 2.58
CA THR C 27 -6.29 7.48 3.67
C THR C 27 -7.30 6.48 3.10
N ALA C 28 -8.21 6.97 2.27
CA ALA C 28 -9.26 6.14 1.69
C ALA C 28 -8.66 5.08 0.74
N PHE C 29 -7.64 5.46 -0.02
CA PHE C 29 -6.99 4.55 -0.95
C PHE C 29 -6.34 3.38 -0.21
N ILE C 30 -5.67 3.69 0.89
CA ILE C 30 -5.07 2.66 1.72
C ILE C 30 -6.15 1.68 2.22
N ILE C 31 -7.28 2.22 2.68
CA ILE C 31 -8.40 1.39 3.14
C ILE C 31 -8.91 0.49 2.00
N ILE C 32 -9.06 1.05 0.81
CA ILE C 32 -9.60 0.32 -0.32
C ILE C 32 -8.64 -0.83 -0.72
N LEU C 33 -7.32 -0.62 -0.62
CA LEU C 33 -6.37 -1.72 -0.87
C LEU C 33 -6.58 -2.89 0.09
N GLY C 34 -7.06 -2.62 1.30
CA GLY C 34 -7.37 -3.66 2.27
C GLY C 34 -8.63 -4.50 1.95
N PHE C 35 -9.44 -4.08 0.98
CA PHE C 35 -10.59 -4.86 0.53
C PHE C 35 -10.14 -6.09 -0.26
N LEU C 36 -8.94 -6.07 -0.81
CA LEU C 36 -8.39 -7.27 -1.45
C LEU C 36 -7.96 -8.29 -0.38
N PRO C 37 -8.39 -9.57 -0.50
CA PRO C 37 -8.05 -10.51 0.58
C PRO C 37 -6.56 -10.85 0.60
N GLY C 38 -6.04 -11.20 1.77
CA GLY C 38 -4.65 -11.57 1.93
C GLY C 38 -4.39 -13.01 1.50
N ILE C 39 -3.14 -13.31 1.15
CA ILE C 39 -2.74 -14.67 0.76
C ILE C 39 -1.96 -15.31 1.89
N PRO C 40 -2.48 -16.41 2.45
CA PRO C 40 -1.76 -17.04 3.56
C PRO C 40 -0.47 -17.74 3.11
N ILE C 41 0.53 -17.58 3.95
CA ILE C 41 1.81 -18.27 3.88
C ILE C 41 1.63 -19.38 4.91
N GLY C 42 2.30 -20.50 4.75
CA GLY C 42 2.18 -21.56 5.75
C GLY C 42 3.14 -21.30 6.91
N PHE C 43 4.34 -20.85 6.56
CA PHE C 43 5.47 -20.81 7.48
C PHE C 43 5.18 -19.96 8.71
N ILE C 44 4.50 -18.83 8.49
CA ILE C 44 4.26 -17.87 9.54
C ILE C 44 2.83 -17.35 9.43
N PRO C 45 2.27 -16.85 10.53
CA PRO C 45 0.89 -16.40 10.51
C PRO C 45 0.78 -14.93 10.05
N VAL C 46 1.46 -14.60 8.96
CA VAL C 46 1.40 -13.29 8.35
C VAL C 46 1.18 -13.50 6.86
N PRO C 47 0.13 -12.89 6.29
CA PRO C 47 -0.14 -13.10 4.87
C PRO C 47 0.52 -12.08 3.91
N ILE C 48 0.53 -12.42 2.63
CA ILE C 48 0.84 -11.49 1.56
C ILE C 48 -0.39 -10.57 1.36
N ILE C 49 -0.13 -9.27 1.25
CA ILE C 49 -1.20 -8.28 1.14
C ILE C 49 -0.87 -7.26 0.05
N LEU C 50 -1.82 -6.34 -0.18
CA LEU C 50 -1.55 -5.22 -1.07
C LEU C 50 -1.46 -3.88 -0.35
N GLN C 51 -2.08 -3.80 0.83
CA GLN C 51 -2.29 -2.55 1.55
C GLN C 51 -0.96 -1.79 1.85
N ASN C 52 0.16 -2.49 2.03
CA ASN C 52 1.40 -1.78 2.28
C ASN C 52 1.89 -0.91 1.12
N GLY C 54 0.03 1.29 -0.49
CA GLY C 54 -0.46 2.66 -0.22
C GLY C 54 0.36 3.38 0.84
N ILE C 55 0.86 2.62 1.83
CA ILE C 55 1.73 3.18 2.83
C ILE C 55 3.01 3.76 2.20
N ALA C 58 2.26 7.16 0.16
CA ALA C 58 1.82 8.37 0.88
C ALA C 58 2.90 9.46 1.02
N GLY C 59 4.11 9.06 1.43
CA GLY C 59 5.21 9.99 1.63
C GLY C 59 5.77 10.54 0.33
N GLY C 60 5.70 9.75 -0.73
CA GLY C 60 6.15 10.17 -2.05
C GLY C 60 5.24 11.16 -2.74
N LEU C 61 3.96 11.16 -2.36
CA LEU C 61 2.99 12.14 -2.89
C LEU C 61 2.79 13.34 -1.98
N LEU C 62 2.67 13.11 -0.68
CA LEU C 62 2.29 14.19 0.25
C LEU C 62 3.38 14.60 1.23
N GLY C 63 4.57 14.04 1.08
CA GLY C 63 5.71 14.47 1.88
C GLY C 63 5.70 13.89 3.26
N PRO C 64 6.72 14.24 4.07
CA PRO C 64 6.89 13.61 5.39
C PRO C 64 5.83 14.04 6.43
N LYS C 65 5.19 15.19 6.24
CA LYS C 65 4.16 15.64 7.18
C LYS C 65 2.79 15.05 6.82
N TYR C 66 2.24 15.43 5.67
CA TYR C 66 0.90 15.01 5.28
C TYR C 66 0.79 13.54 4.87
N GLY C 67 1.88 12.94 4.40
CA GLY C 67 1.88 11.49 4.16
C GLY C 67 1.79 10.74 5.47
N THR C 68 2.49 11.23 6.49
CA THR C 68 2.39 10.62 7.81
C THR C 68 1.01 10.85 8.43
N ILE C 69 0.44 12.04 8.25
CA ILE C 69 -0.91 12.31 8.76
C ILE C 69 -1.93 11.37 8.11
N SER C 70 -1.84 11.13 6.80
CA SER C 70 -2.77 10.23 6.10
C SER C 70 -2.73 8.78 6.58
N VAL C 71 -1.50 8.29 6.81
CA VAL C 71 -1.29 6.93 7.27
C VAL C 71 -1.70 6.83 8.73
N GLY C 72 -1.38 7.86 9.51
CA GLY C 72 -1.77 7.90 10.91
C GLY C 72 -3.26 7.88 11.10
N ALA C 73 -3.99 8.57 10.22
CA ALA C 73 -5.46 8.58 10.31
C ALA C 73 -5.99 7.17 10.03
N PHE C 74 -5.39 6.51 9.05
CA PHE C 74 -5.73 5.11 8.72
C PHE C 74 -5.52 4.17 9.90
N LEU C 75 -4.35 4.26 10.51
CA LEU C 75 -4.02 3.44 11.66
C LEU C 75 -4.90 3.74 12.86
N ALA C 76 -5.23 5.01 13.07
CA ALA C 76 -6.12 5.44 14.14
C ALA C 76 -7.50 4.81 13.95
N LEU C 77 -8.02 4.78 12.72
CA LEU C 77 -9.28 4.09 12.46
C LEU C 77 -9.21 2.60 12.80
N ALA C 78 -8.11 1.92 12.44
CA ALA C 78 -7.92 0.52 12.83
C ALA C 78 -7.89 0.35 14.35
N LEU C 79 -7.14 1.23 15.02
CA LEU C 79 -6.96 1.19 16.46
C LEU C 79 -8.25 1.36 17.25
N ILE C 80 -9.17 2.19 16.77
CA ILE C 80 -10.44 2.37 17.45
C ILE C 80 -11.49 1.33 17.08
N GLY C 81 -11.18 0.47 16.12
CA GLY C 81 -11.97 -0.72 15.87
C GLY C 81 -12.61 -0.86 14.50
N LEU C 82 -12.41 0.10 13.61
CA LEU C 82 -12.96 -0.06 12.26
C LEU C 82 -12.18 -1.13 11.51
N PRO C 83 -12.89 -1.96 10.74
CA PRO C 83 -12.22 -3.09 10.09
C PRO C 83 -11.59 -2.68 8.77
N VAL C 84 -10.53 -1.87 8.85
CA VAL C 84 -9.92 -1.24 7.69
C VAL C 84 -8.63 -1.95 7.25
N LEU C 85 -8.11 -2.85 8.08
CA LEU C 85 -6.95 -3.70 7.70
C LEU C 85 -7.39 -4.83 6.78
N THR C 86 -6.44 -5.34 6.00
CA THR C 86 -6.73 -6.41 5.07
C THR C 86 -7.65 -7.49 5.68
N GLY C 87 -8.68 -7.88 4.92
CA GLY C 87 -9.58 -8.94 5.34
C GLY C 87 -10.68 -8.49 6.30
N GLY C 88 -10.81 -7.19 6.54
CA GLY C 88 -11.83 -6.68 7.46
C GLY C 88 -11.45 -6.81 8.91
N ASN C 89 -10.20 -6.54 9.22
CA ASN C 89 -9.66 -6.70 10.57
C ASN C 89 -9.38 -5.34 11.13
N GLY C 90 -9.23 -5.27 12.44
CA GLY C 90 -9.06 -4.00 13.13
C GLY C 90 -9.10 -4.22 14.63
N GLY C 91 -9.05 -3.14 15.39
CA GLY C 91 -9.08 -3.22 16.85
C GLY C 91 -7.67 -3.13 17.40
N ALA C 92 -7.56 -2.52 18.58
CA ALA C 92 -6.28 -2.24 19.22
C ALA C 92 -5.52 -3.53 19.56
N ALA C 93 -6.23 -4.54 20.06
CA ALA C 93 -5.62 -5.83 20.45
C ALA C 93 -4.83 -6.44 19.31
N SER C 94 -5.37 -6.37 18.09
CA SER C 94 -4.71 -6.97 16.93
C SER C 94 -3.29 -6.41 16.69
N PHE C 95 -3.03 -5.18 17.12
CA PHE C 95 -1.69 -4.57 17.00
C PHE C 95 -0.62 -5.23 17.88
N LEU C 96 -1.02 -6.03 18.86
CA LEU C 96 -0.07 -6.82 19.62
C LEU C 96 0.06 -8.24 19.05
N GLY C 97 -0.60 -8.51 17.94
CA GLY C 97 -0.55 -9.82 17.30
C GLY C 97 0.66 -10.00 16.39
N PRO C 98 0.69 -11.11 15.64
CA PRO C 98 1.87 -11.44 14.84
C PRO C 98 2.29 -10.35 13.84
N SER C 99 1.31 -9.65 13.26
CA SER C 99 1.59 -8.66 12.22
C SER C 99 1.74 -7.23 12.78
N GLY C 100 1.77 -7.11 14.10
CA GLY C 100 1.84 -5.82 14.77
C GLY C 100 3.02 -4.94 14.43
N GLY C 101 4.19 -5.55 14.28
CA GLY C 101 5.42 -4.81 13.99
C GLY C 101 5.44 -4.15 12.60
N TYR C 102 4.92 -4.83 11.59
CA TYR C 102 4.78 -4.22 10.24
C TYR C 102 3.91 -2.93 10.33
N ARG C 103 2.84 -3.01 11.09
CA ARG C 103 1.90 -1.91 11.18
C ARG C 103 2.50 -0.72 11.89
N ILE C 104 3.28 -0.98 12.93
CA ILE C 104 3.93 0.09 13.65
C ILE C 104 4.96 0.73 12.74
N ALA C 105 5.72 -0.09 12.01
CA ALA C 105 6.68 0.46 11.04
C ALA C 105 6.00 1.32 9.95
N TRP C 106 4.80 0.94 9.52
CA TRP C 106 4.01 1.76 8.58
C TRP C 106 3.85 3.21 8.98
N LEU C 107 3.66 3.47 10.27
CA LEU C 107 3.55 4.85 10.75
C LEU C 107 4.79 5.70 10.43
N PHE C 108 5.97 5.09 10.44
CA PHE C 108 7.23 5.83 10.22
C PHE C 108 7.65 5.91 8.75
N THR C 109 7.12 5.01 7.95
CA THR C 109 7.49 4.89 6.53
C THR C 109 7.31 6.15 5.69
N PRO C 110 6.11 6.76 5.73
CA PRO C 110 5.95 7.98 4.93
C PRO C 110 6.84 9.12 5.39
N PHE C 111 7.10 9.18 6.68
CA PHE C 111 8.01 10.19 7.18
C PHE C 111 9.42 9.98 6.60
N LEU C 112 9.93 8.76 6.71
CA LEU C 112 11.28 8.42 6.23
C LEU C 112 11.40 8.61 4.73
N ILE C 113 10.42 8.09 3.99
CA ILE C 113 10.45 8.22 2.53
C ILE C 113 10.34 9.69 2.15
N GLY C 114 9.36 10.39 2.73
CA GLY C 114 9.16 11.82 2.43
C GLY C 114 10.37 12.67 2.80
N PHE C 115 10.94 12.40 3.96
CA PHE C 115 12.09 13.17 4.43
C PHE C 115 13.28 13.05 3.48
N PHE C 116 13.58 11.82 3.06
CA PHE C 116 14.76 11.63 2.23
C PHE C 116 14.51 12.08 0.78
N LEU C 117 13.27 11.93 0.28
CA LEU C 117 12.95 12.49 -1.03
C LEU C 117 13.13 14.01 -1.01
N LYS C 118 12.70 14.63 0.09
CA LYS C 118 12.80 16.08 0.27
C LYS C 118 14.27 16.53 0.46
N LYS C 119 14.99 15.88 1.37
CA LYS C 119 16.34 16.31 1.73
C LYS C 119 17.34 16.09 0.59
N LEU C 120 17.18 15.01 -0.15
CA LEU C 120 18.02 14.72 -1.31
C LEU C 120 17.44 15.25 -2.64
N LYS C 121 16.40 16.09 -2.58
CA LYS C 121 15.88 16.78 -3.76
C LYS C 121 15.54 15.83 -4.92
N ILE C 122 14.97 14.67 -4.57
CA ILE C 122 14.68 13.63 -5.55
C ILE C 122 13.47 13.98 -6.43
N THR C 123 12.49 14.68 -5.85
CA THR C 123 11.24 15.00 -6.55
C THR C 123 11.44 16.07 -7.61
N THR C 124 12.54 16.80 -7.51
CA THR C 124 12.84 17.87 -8.45
C THR C 124 13.94 17.44 -9.44
N SER C 125 14.22 16.13 -9.51
CA SER C 125 15.28 15.60 -10.36
C SER C 125 14.75 14.48 -11.22
N GLN C 126 15.59 13.97 -12.11
CA GLN C 126 15.29 12.74 -12.86
C GLN C 126 16.01 11.54 -12.22
N ASN C 127 16.11 11.53 -10.90
CA ASN C 127 16.83 10.46 -10.18
C ASN C 127 15.88 9.32 -9.75
N TRP C 128 15.49 8.55 -10.75
CA TRP C 128 14.50 7.50 -10.64
C TRP C 128 15.02 6.33 -9.82
N PHE C 129 16.24 5.92 -10.08
CA PHE C 129 16.85 4.86 -9.26
C PHE C 129 17.03 5.29 -7.78
N GLY C 130 17.35 6.56 -7.54
CA GLY C 130 17.40 7.10 -6.19
C GLY C 130 16.07 6.99 -5.44
N GLU C 131 15.00 7.37 -6.13
CA GLU C 131 13.66 7.25 -5.57
C GLU C 131 13.32 5.78 -5.28
N LEU C 132 13.68 4.88 -6.19
CA LEU C 132 13.49 3.45 -5.95
C LEU C 132 14.28 2.97 -4.72
N ILE C 133 15.56 3.34 -4.60
CA ILE C 133 16.36 2.94 -3.42
C ILE C 133 15.69 3.38 -2.11
N ILE C 134 15.24 4.64 -2.07
CA ILE C 134 14.56 5.17 -0.88
C ILE C 134 13.28 4.37 -0.54
N VAL C 135 12.46 4.10 -1.53
CA VAL C 135 11.21 3.37 -1.28
C VAL C 135 11.55 1.94 -0.82
N LEU C 136 12.58 1.34 -1.42
CA LEU C 136 12.99 -0.02 -1.04
C LEU C 136 13.58 -0.06 0.39
N LEU C 137 14.43 0.89 0.71
CA LEU C 137 15.03 0.95 2.04
C LEU C 137 13.96 1.10 3.13
N PHE C 138 13.03 2.04 2.96
CA PHE C 138 12.14 2.35 4.05
C PHE C 138 10.76 1.70 3.91
N GLY C 139 10.32 1.49 2.69
CA GLY C 139 9.01 0.91 2.45
C GLY C 139 9.05 -0.62 2.42
N VAL C 140 10.22 -1.19 2.18
CA VAL C 140 10.33 -2.65 2.10
C VAL C 140 11.23 -3.18 3.22
N ILE C 141 12.51 -2.79 3.22
CA ILE C 141 13.49 -3.39 4.12
C ILE C 141 13.16 -3.05 5.58
N PHE C 142 12.97 -1.76 5.86
CA PHE C 142 12.63 -1.29 7.21
C PHE C 142 11.35 -1.96 7.73
N VAL C 143 10.28 -1.92 6.93
CA VAL C 143 8.99 -2.48 7.34
C VAL C 143 9.10 -3.99 7.61
N ASP C 144 9.70 -4.72 6.67
CA ASP C 144 9.77 -6.18 6.75
C ASP C 144 10.70 -6.65 7.88
N PHE C 145 11.81 -5.95 8.07
CA PHE C 145 12.74 -6.22 9.17
C PHE C 145 12.07 -6.01 10.52
N VAL C 146 11.44 -4.84 10.73
CA VAL C 146 10.74 -4.55 11.99
C VAL C 146 9.64 -5.60 12.24
N GLY C 147 8.87 -5.89 11.19
CA GLY C 147 7.82 -6.90 11.27
C GLY C 147 8.34 -8.29 11.64
N ALA C 148 9.46 -8.67 11.04
CA ALA C 148 10.07 -9.97 11.26
C ALA C 148 10.56 -10.11 12.71
N ILE C 149 11.17 -9.05 13.23
CA ILE C 149 11.68 -9.03 14.62
C ILE C 149 10.54 -9.12 15.64
N TRP C 150 9.52 -8.31 15.45
CA TRP C 150 8.30 -8.36 16.26
C TRP C 150 7.64 -9.71 16.24
N LEU C 151 7.42 -10.24 15.05
CA LEU C 151 6.87 -11.58 14.88
C LEU C 151 7.67 -12.61 15.68
N SER C 152 8.99 -12.56 15.56
CA SER C 152 9.86 -13.48 16.30
C SER C 152 9.54 -13.46 17.79
N PHE C 153 9.48 -12.26 18.37
CA PHE C 153 9.17 -12.13 19.79
C PHE C 153 7.75 -12.55 20.16
N GLN C 154 6.75 -12.07 19.44
CA GLN C 154 5.38 -12.29 19.91
C GLN C 154 4.90 -13.71 19.64
N SER C 155 5.42 -14.38 18.61
CA SER C 155 4.99 -15.73 18.30
C SER C 155 6.05 -16.78 18.66
N ASN C 156 7.12 -16.33 19.33
CA ASN C 156 8.20 -17.20 19.80
C ASN C 156 8.81 -18.07 18.68
N ILE C 157 9.07 -17.44 17.55
CA ILE C 157 9.73 -18.05 16.40
C ILE C 157 11.18 -17.62 16.42
N PRO C 158 12.13 -18.52 16.13
CA PRO C 158 13.52 -18.10 16.10
C PRO C 158 13.77 -16.99 15.06
N LEU C 159 14.59 -16.01 15.44
CA LEU C 159 14.89 -14.88 14.58
C LEU C 159 15.17 -15.27 13.15
N LEU C 160 16.14 -16.17 12.98
CA LEU C 160 16.56 -16.63 11.66
C LEU C 160 15.38 -17.17 10.85
N THR C 161 14.49 -17.92 11.51
CA THR C 161 13.32 -18.49 10.86
C THR C 161 12.36 -17.37 10.40
N SER C 162 12.08 -16.42 11.29
CA SER C 162 11.26 -15.26 10.95
C SER C 162 11.86 -14.53 9.75
N LEU C 163 13.16 -14.23 9.80
CA LEU C 163 13.78 -13.47 8.71
C LEU C 163 13.73 -14.25 7.39
N ILE C 164 14.07 -15.53 7.41
CA ILE C 164 14.09 -16.31 6.17
C ILE C 164 12.68 -16.41 5.58
N SER C 165 11.68 -16.65 6.44
CA SER C 165 10.29 -16.74 6.01
C SER C 165 9.80 -15.46 5.35
N ASN C 166 10.23 -14.33 5.91
CA ASN C 166 9.88 -13.01 5.39
C ASN C 166 10.40 -12.73 3.99
N LEU C 167 11.37 -13.52 3.51
CA LEU C 167 11.79 -13.39 2.12
C LEU C 167 10.60 -13.55 1.17
N VAL C 168 9.61 -14.37 1.56
CA VAL C 168 8.42 -14.57 0.76
C VAL C 168 7.71 -13.26 0.42
N PHE C 169 7.83 -12.25 1.28
CA PHE C 169 7.17 -10.97 1.06
C PHE C 169 7.94 -10.05 0.11
N ILE C 170 9.24 -10.30 -0.06
CA ILE C 170 10.11 -9.36 -0.76
C ILE C 170 9.72 -9.23 -2.24
N PRO C 171 9.41 -10.34 -2.90
CA PRO C 171 9.09 -10.11 -4.32
C PRO C 171 7.86 -9.22 -4.53
N GLY C 172 6.77 -9.49 -3.81
CA GLY C 172 5.58 -8.64 -3.91
C GLY C 172 5.89 -7.20 -3.47
N ASP C 173 6.70 -7.05 -2.42
CA ASP C 173 7.01 -5.74 -1.90
C ASP C 173 7.87 -4.93 -2.89
N CYS C 174 8.78 -5.57 -3.61
CA CYS C 174 9.57 -4.89 -4.63
C CYS C 174 8.72 -4.48 -5.83
N ILE C 175 7.78 -5.33 -6.22
CA ILE C 175 6.81 -4.98 -7.25
C ILE C 175 5.99 -3.77 -6.82
N LYS C 176 5.48 -3.79 -5.59
CA LYS C 176 4.75 -2.63 -5.04
C LYS C 176 5.60 -1.33 -5.06
N ALA C 177 6.86 -1.46 -4.73
CA ALA C 177 7.85 -0.38 -4.76
C ALA C 177 8.07 0.20 -6.17
N ILE C 178 8.21 -0.68 -7.17
CA ILE C 178 8.28 -0.25 -8.55
C ILE C 178 7.00 0.49 -8.95
N LEU C 179 5.85 -0.10 -8.65
CA LEU C 179 4.57 0.54 -9.00
C LEU C 179 4.46 1.90 -8.30
N THR C 180 4.94 1.95 -7.05
CA THR C 180 4.92 3.18 -6.25
C THR C 180 5.74 4.26 -6.96
N VAL C 181 6.96 3.92 -7.37
CA VAL C 181 7.80 4.91 -8.05
C VAL C 181 7.16 5.38 -9.38
N VAL C 182 6.68 4.45 -10.19
CA VAL C 182 6.08 4.82 -11.48
C VAL C 182 4.82 5.68 -11.28
N ILE C 183 3.92 5.24 -10.41
CA ILE C 183 2.67 5.95 -10.20
C ILE C 183 2.90 7.35 -9.57
N VAL C 184 3.75 7.42 -8.56
CA VAL C 184 3.96 8.67 -7.85
C VAL C 184 4.67 9.72 -8.73
N ARG C 185 5.65 9.29 -9.53
CA ARG C 185 6.37 10.23 -10.42
C ARG C 185 5.43 10.76 -11.48
N ARG C 186 4.60 9.87 -12.02
CA ARG C 186 3.64 10.25 -13.06
C ARG C 186 2.67 11.29 -12.49
N LEU C 187 2.14 11.04 -11.29
CA LEU C 187 1.24 12.00 -10.62
C LEU C 187 1.92 13.33 -10.29
N ARG C 188 3.14 13.29 -9.76
CA ARG C 188 3.91 14.51 -9.50
C ARG C 188 4.23 15.34 -10.75
N LYS C 189 4.43 14.65 -11.87
CA LYS C 189 4.87 15.29 -13.11
C LYS C 189 3.87 16.37 -13.57
N GLN C 190 2.60 16.16 -13.27
CA GLN C 190 1.55 17.11 -13.58
C GLN C 190 1.52 18.35 -12.68
N GLY C 191 2.47 18.47 -11.75
CA GLY C 191 2.53 19.60 -10.83
C GLY C 191 1.51 19.52 -9.71
N GLY C 192 1.69 20.38 -8.71
CA GLY C 192 0.71 20.51 -7.64
C GLY C 192 0.97 19.66 -6.40
N PHE C 193 2.03 18.86 -6.44
CA PHE C 193 2.53 18.18 -5.24
C PHE C 193 3.84 18.81 -4.77
N GLU C 194 4.33 19.79 -5.52
CA GLU C 194 5.56 20.51 -5.22
C GLU C 194 5.57 21.16 -3.82
N LEU C 195 4.41 21.64 -3.37
CA LEU C 195 4.34 22.28 -2.06
C LEU C 195 4.72 21.36 -0.88
N TYR C 196 4.53 20.04 -1.06
CA TYR C 196 4.80 19.10 0.01
C TYR C 196 6.28 18.75 0.14
N PHE C 197 7.11 19.18 -0.81
CA PHE C 197 8.55 18.91 -0.78
C PHE C 197 9.42 20.17 -0.72
N ARG C 198 8.83 21.31 -0.36
CA ARG C 198 9.62 22.55 -0.24
C ARG C 198 10.51 22.51 0.99
#